data_8RWH
#
_entry.id   8RWH
#
_cell.length_a   40.550
_cell.length_b   182.540
_cell.length_c   143.660
_cell.angle_alpha   90.00
_cell.angle_beta   90.00
_cell.angle_gamma   90.00
#
_symmetry.space_group_name_H-M   'C 2 2 21'
#
loop_
_entity.id
_entity.type
_entity.pdbx_description
1 polymer 'Adenosine receptor A2a,Soluble cytochrome b562'
2 non-polymer 8-[(~{E})-2-[3,4-bis(oxidanyl)phenyl]ethenyl]-1,3-diethyl-7-methyl-purine-2,6-dione
3 non-polymer CHOLESTEROL
4 non-polymer 'OLEIC ACID'
5 non-polymer '(2S)-2,3-dihydroxypropyl (9Z)-octadec-9-enoate'
6 non-polymer '(2R)-2,3-dihydroxypropyl (9Z)-octadec-9-enoate'
7 non-polymer 'SODIUM ION'
8 water water
#
_entity_poly.entity_id   1
_entity_poly.type   'polypeptide(L)'
_entity_poly.pdbx_seq_one_letter_code
;MKTIIALSYIFCLVFADYKDDDDGAPPIMGSSVYITVELAIAVLAILGNVLVCWAVWLNSNLQNVTNYFVVSLAAADILV
GVLAIPFAITISTGFCAACHGCLFIACFVLVLAQSSIFSLLAIAIDRYIAIAIPLRYNGLVTGTRAAGIIAICWVLSFAI
GLTPMLGWNNCGQPKEGKAHSQGCGEGQVACLFEDVVPMNYMVYFNFFACVLVPLLLMLGVYLRIFAAARRQLADLEDNW
ETLNDNLKVIEKADNAAQVKDALTKMRAAALDAQKATPPKLEDKSPDSPEMKDFRHGFDILVGQIDDALKLANEGKVKEA
QAAAEQLKTTRNAYIQKYLERARSTLQKEVHAAKSAAIIAGLFALCWLPLHIINCFTFFCPDCSHAPLWLMYLAIVLSHT
NSVVNPFIYAYRIREFRQTFRKIIRSHVLRQQEPFKAAAHHHHHHHHHH
;
_entity_poly.pdbx_strand_id   A
#
# COMPACT_ATOMS: atom_id res chain seq x y z
N ALA A 25 3.77 44.38 -5.94
CA ALA A 25 2.67 43.57 -5.42
C ALA A 25 2.90 43.18 -3.97
N PRO A 26 1.97 43.54 -3.10
CA PRO A 26 2.10 43.16 -1.69
C PRO A 26 2.21 41.66 -1.54
N PRO A 27 3.32 41.16 -1.00
CA PRO A 27 3.47 39.71 -0.85
C PRO A 27 2.44 39.09 0.08
N ILE A 28 1.80 39.88 0.95
CA ILE A 28 0.80 39.32 1.85
C ILE A 28 -0.48 38.95 1.14
N MET A 29 -0.70 39.42 -0.10
CA MET A 29 -1.88 39.01 -0.84
C MET A 29 -1.75 37.57 -1.34
N GLY A 30 -0.69 37.30 -2.11
CA GLY A 30 -0.44 35.94 -2.54
C GLY A 30 -0.21 34.99 -1.38
N SER A 31 0.40 35.48 -0.31
N SER A 31 0.41 35.48 -0.31
CA SER A 31 0.60 34.64 0.88
CA SER A 31 0.60 34.65 0.87
C SER A 31 -0.73 34.26 1.51
C SER A 31 -0.74 34.25 1.49
N SER A 32 -1.76 35.10 1.36
CA SER A 32 -3.06 34.80 1.93
C SER A 32 -3.70 33.61 1.24
N VAL A 33 -3.52 33.51 -0.08
CA VAL A 33 -4.10 32.39 -0.82
C VAL A 33 -3.40 31.08 -0.44
N TYR A 34 -2.08 31.11 -0.38
CA TYR A 34 -1.32 29.92 -0.01
C TYR A 34 -1.69 29.46 1.40
N ILE A 35 -1.76 30.39 2.35
CA ILE A 35 -2.07 30.03 3.74
C ILE A 35 -3.49 29.49 3.84
N THR A 36 -4.42 30.09 3.10
CA THR A 36 -5.83 29.67 3.19
C THR A 36 -6.01 28.26 2.64
N VAL A 37 -5.34 27.93 1.53
CA VAL A 37 -5.46 26.59 0.98
C VAL A 37 -4.84 25.56 1.91
N GLU A 38 -3.68 25.88 2.49
CA GLU A 38 -3.03 24.95 3.42
C GLU A 38 -3.92 24.66 4.63
N LEU A 39 -4.51 25.69 5.22
CA LEU A 39 -5.38 25.46 6.37
C LEU A 39 -6.60 24.63 5.99
N ALA A 40 -7.12 24.82 4.78
CA ALA A 40 -8.23 23.97 4.33
C ALA A 40 -7.81 22.51 4.24
N ILE A 41 -6.62 22.24 3.72
CA ILE A 41 -6.14 20.88 3.60
C ILE A 41 -5.92 20.26 4.98
N ALA A 42 -5.41 21.04 5.93
CA ALA A 42 -5.17 20.50 7.27
C ALA A 42 -6.44 19.98 7.92
N VAL A 43 -7.54 20.75 7.81
N VAL A 43 -7.54 20.72 7.80
CA VAL A 43 -8.79 20.34 8.43
CA VAL A 43 -8.78 20.31 8.48
C VAL A 43 -9.29 19.04 7.84
C VAL A 43 -9.36 19.07 7.82
N LEU A 44 -9.17 18.89 6.51
CA LEU A 44 -9.67 17.69 5.85
C LEU A 44 -8.82 16.47 6.20
N ALA A 45 -7.50 16.65 6.29
CA ALA A 45 -6.62 15.54 6.66
C ALA A 45 -6.90 15.07 8.07
N ILE A 46 -7.18 15.99 8.98
CA ILE A 46 -7.47 15.61 10.36
C ILE A 46 -8.80 14.86 10.44
N LEU A 47 -9.85 15.41 9.81
CA LEU A 47 -11.18 14.85 9.93
C LEU A 47 -11.27 13.46 9.33
N GLY A 48 -10.80 13.31 8.08
CA GLY A 48 -10.95 12.03 7.41
C GLY A 48 -10.16 10.92 8.08
N ASN A 49 -8.96 11.24 8.57
CA ASN A 49 -8.10 10.20 9.13
C ASN A 49 -8.45 9.87 10.57
N VAL A 50 -9.01 10.83 11.31
CA VAL A 50 -9.59 10.48 12.61
C VAL A 50 -10.73 9.49 12.42
N LEU A 51 -11.51 9.66 11.35
CA LEU A 51 -12.59 8.72 11.06
C LEU A 51 -12.06 7.31 10.79
N VAL A 52 -10.92 7.21 10.10
CA VAL A 52 -10.34 5.89 9.83
C VAL A 52 -9.95 5.20 11.13
N CYS A 53 -9.34 5.94 12.07
CA CYS A 53 -8.92 5.34 13.33
C CYS A 53 -10.12 4.94 14.17
N TRP A 54 -11.19 5.75 14.15
CA TRP A 54 -12.39 5.42 14.91
C TRP A 54 -13.03 4.15 14.39
N ALA A 55 -13.06 3.96 13.06
CA ALA A 55 -13.67 2.77 12.49
C ALA A 55 -12.93 1.50 12.92
N VAL A 56 -11.59 1.53 12.87
CA VAL A 56 -10.81 0.34 13.20
C VAL A 56 -10.97 0.01 14.69
N TRP A 57 -11.08 1.03 15.54
CA TRP A 57 -11.28 0.78 16.96
C TRP A 57 -12.67 0.20 17.22
N LEU A 58 -13.68 0.64 16.48
CA LEU A 58 -15.05 0.23 16.75
C LEU A 58 -15.33 -1.17 16.23
N ASN A 59 -15.04 -1.42 14.94
CA ASN A 59 -15.43 -2.66 14.28
C ASN A 59 -14.32 -3.70 14.44
N SER A 60 -14.64 -4.79 15.14
N SER A 60 -14.64 -4.79 15.14
CA SER A 60 -13.67 -5.86 15.33
CA SER A 60 -13.67 -5.86 15.33
C SER A 60 -13.35 -6.60 14.03
C SER A 60 -13.35 -6.58 14.02
N ASN A 61 -14.21 -6.48 13.01
CA ASN A 61 -13.91 -7.08 11.71
C ASN A 61 -12.78 -6.37 10.99
N LEU A 62 -12.44 -5.15 11.38
CA LEU A 62 -11.36 -4.40 10.77
C LEU A 62 -10.06 -4.52 11.55
N GLN A 63 -10.06 -5.18 12.70
CA GLN A 63 -8.87 -5.29 13.54
C GLN A 63 -8.05 -6.50 13.10
N ASN A 64 -7.34 -6.32 11.97
CA ASN A 64 -6.40 -7.31 11.47
C ASN A 64 -5.04 -6.65 11.28
N VAL A 65 -4.04 -7.47 10.97
CA VAL A 65 -2.67 -6.96 10.85
C VAL A 65 -2.59 -5.92 9.73
N THR A 66 -3.23 -6.18 8.60
CA THR A 66 -3.18 -5.25 7.48
C THR A 66 -3.66 -3.86 7.88
N ASN A 67 -4.74 -3.78 8.66
CA ASN A 67 -5.31 -2.49 9.03
C ASN A 67 -4.53 -1.78 10.13
N TYR A 68 -3.57 -2.46 10.76
CA TYR A 68 -2.72 -1.75 11.73
C TYR A 68 -1.73 -0.84 11.02
N PHE A 69 -1.25 -1.25 9.85
CA PHE A 69 -0.44 -0.36 9.03
C PHE A 69 -1.28 0.76 8.42
N VAL A 70 -2.57 0.51 8.21
CA VAL A 70 -3.48 1.56 7.76
C VAL A 70 -3.60 2.64 8.84
N VAL A 71 -3.73 2.23 10.10
CA VAL A 71 -3.80 3.19 11.20
C VAL A 71 -2.49 3.94 11.35
N SER A 72 -1.36 3.25 11.22
CA SER A 72 -0.07 3.93 11.27
CA SER A 72 -0.07 3.93 11.28
C SER A 72 0.03 4.97 10.16
N LEU A 73 -0.45 4.62 8.96
CA LEU A 73 -0.49 5.58 7.87
C LEU A 73 -1.43 6.75 8.19
N ALA A 74 -2.59 6.46 8.81
CA ALA A 74 -3.52 7.54 9.16
C ALA A 74 -2.93 8.47 10.21
N ALA A 75 -2.19 7.92 11.18
CA ALA A 75 -1.58 8.77 12.21
C ALA A 75 -0.57 9.73 11.62
N ALA A 76 0.20 9.29 10.62
CA ALA A 76 1.15 10.17 9.97
C ALA A 76 0.43 11.28 9.22
N ASP A 77 -0.70 10.97 8.60
CA ASP A 77 -1.44 12.00 7.87
C ASP A 77 -2.13 12.96 8.82
N ILE A 78 -2.53 12.48 10.00
CA ILE A 78 -3.04 13.39 11.04
C ILE A 78 -1.96 14.39 11.45
N LEU A 79 -0.74 13.91 11.64
CA LEU A 79 0.35 14.79 12.07
C LEU A 79 0.76 15.79 10.99
N VAL A 80 0.49 15.47 9.71
CA VAL A 80 0.72 16.44 8.65
C VAL A 80 -0.14 17.67 8.86
N GLY A 81 -1.40 17.47 9.24
CA GLY A 81 -2.32 18.58 9.44
C GLY A 81 -2.03 19.35 10.70
N VAL A 82 -1.68 18.63 11.77
CA VAL A 82 -1.48 19.28 13.06
C VAL A 82 -0.13 19.97 13.13
N LEU A 83 0.92 19.40 12.51
CA LEU A 83 2.27 19.92 12.68
C LEU A 83 2.94 20.32 11.38
N ALA A 84 2.95 19.45 10.37
CA ALA A 84 3.73 19.72 9.17
C ALA A 84 3.21 20.94 8.41
N ILE A 85 1.90 21.05 8.25
CA ILE A 85 1.33 22.18 7.52
C ILE A 85 1.57 23.48 8.29
N PRO A 86 1.31 23.55 9.60
CA PRO A 86 1.71 24.76 10.34
C PRO A 86 3.20 25.06 10.21
N PHE A 87 4.06 24.04 10.21
CA PHE A 87 5.49 24.28 10.00
C PHE A 87 5.75 24.89 8.63
N ALA A 88 5.08 24.38 7.59
CA ALA A 88 5.29 24.88 6.23
C ALA A 88 4.87 26.34 6.11
N ILE A 89 3.72 26.69 6.69
CA ILE A 89 3.26 28.09 6.70
C ILE A 89 4.30 28.98 7.37
N THR A 90 4.87 28.51 8.49
CA THR A 90 5.84 29.30 9.25
C THR A 90 7.10 29.57 8.43
N ILE A 91 7.63 28.55 7.76
N ILE A 91 7.66 28.56 7.78
CA ILE A 91 8.89 28.68 7.04
CA ILE A 91 8.92 28.75 7.04
C ILE A 91 8.74 29.48 5.74
C ILE A 91 8.75 29.51 5.74
N SER A 92 7.51 29.68 5.27
CA SER A 92 7.31 30.48 4.06
C SER A 92 7.49 31.96 4.31
N THR A 93 7.60 32.39 5.57
CA THR A 93 7.72 33.80 5.90
C THR A 93 9.17 34.26 6.07
N GLY A 94 10.12 33.33 6.20
CA GLY A 94 11.52 33.71 6.34
C GLY A 94 11.87 34.34 7.66
N PHE A 95 11.13 34.00 8.72
CA PHE A 95 11.34 34.63 10.02
C PHE A 95 12.72 34.32 10.56
N CYS A 96 13.22 35.21 11.41
CA CYS A 96 14.53 34.99 12.03
C CYS A 96 14.43 33.90 13.09
N ALA A 97 15.43 33.02 13.10
CA ALA A 97 15.46 31.94 14.07
C ALA A 97 16.87 31.36 14.14
N ALA A 98 17.14 30.67 15.24
CA ALA A 98 18.37 29.89 15.35
C ALA A 98 18.37 28.77 14.31
N CYS A 99 19.49 28.66 13.58
CA CYS A 99 19.53 27.81 12.39
C CYS A 99 19.08 26.38 12.68
N HIS A 100 19.47 25.81 13.82
CA HIS A 100 19.11 24.43 14.12
C HIS A 100 17.63 24.30 14.50
N GLY A 101 17.03 25.34 15.05
CA GLY A 101 15.58 25.34 15.22
C GLY A 101 14.85 25.44 13.90
N CYS A 102 15.40 26.19 12.95
CA CYS A 102 14.86 26.22 11.60
C CYS A 102 14.96 24.84 10.94
N LEU A 103 16.06 24.12 11.19
N LEU A 103 16.05 24.12 11.20
CA LEU A 103 16.26 22.80 10.58
CA LEU A 103 16.26 22.82 10.58
C LEU A 103 15.17 21.82 11.01
C LEU A 103 15.19 21.81 11.01
N PHE A 104 14.82 21.82 12.29
CA PHE A 104 13.79 20.91 12.77
C PHE A 104 12.45 21.23 12.13
N ILE A 105 12.11 22.50 12.04
CA ILE A 105 10.85 22.91 11.42
C ILE A 105 10.86 22.48 9.95
N ALA A 106 12.01 22.57 9.28
CA ALA A 106 12.08 22.25 7.87
C ALA A 106 12.04 20.75 7.62
N CYS A 107 12.62 19.95 8.52
CA CYS A 107 12.86 18.53 8.28
C CYS A 107 11.78 17.60 8.84
N PHE A 108 10.88 18.09 9.69
CA PHE A 108 9.95 17.19 10.34
C PHE A 108 9.02 16.51 9.33
N VAL A 109 8.66 17.20 8.25
CA VAL A 109 7.77 16.57 7.27
C VAL A 109 8.44 15.38 6.60
N LEU A 110 9.78 15.39 6.50
CA LEU A 110 10.49 14.26 5.92
C LEU A 110 10.34 13.01 6.78
N VAL A 111 10.18 13.18 8.10
CA VAL A 111 9.92 12.04 8.98
C VAL A 111 8.58 11.41 8.65
N LEU A 112 7.54 12.24 8.51
CA LEU A 112 6.20 11.73 8.25
C LEU A 112 6.10 11.08 6.87
N ALA A 113 6.85 11.60 5.89
CA ALA A 113 6.86 10.99 4.56
C ALA A 113 7.56 9.64 4.59
N GLN A 114 8.67 9.53 5.33
CA GLN A 114 9.37 8.25 5.43
C GLN A 114 8.50 7.21 6.14
N SER A 115 7.78 7.63 7.18
CA SER A 115 6.86 6.72 7.85
C SER A 115 5.80 6.20 6.88
N SER A 116 5.29 7.06 6.00
CA SER A 116 4.28 6.63 5.03
C SER A 116 4.84 5.59 4.07
N ILE A 117 6.08 5.79 3.61
CA ILE A 117 6.69 4.84 2.68
CA ILE A 117 6.68 4.85 2.67
C ILE A 117 6.83 3.47 3.32
N PHE A 118 7.29 3.43 4.57
CA PHE A 118 7.44 2.16 5.28
C PHE A 118 6.10 1.46 5.46
N SER A 119 5.05 2.21 5.83
CA SER A 119 3.74 1.61 6.00
C SER A 119 3.22 1.06 4.67
N LEU A 120 3.46 1.76 3.57
CA LEU A 120 3.02 1.27 2.27
C LEU A 120 3.76 0.00 1.89
N LEU A 121 5.08 -0.03 2.14
CA LEU A 121 5.87 -1.23 1.84
C LEU A 121 5.37 -2.44 2.61
N ALA A 122 5.00 -2.24 3.89
CA ALA A 122 4.55 -3.37 4.70
C ALA A 122 3.21 -3.91 4.19
N ILE A 123 2.33 -3.01 3.74
CA ILE A 123 1.02 -3.44 3.24
C ILE A 123 1.19 -4.28 1.99
N ALA A 124 2.09 -3.87 1.09
CA ALA A 124 2.36 -4.64 -0.11
C ALA A 124 2.90 -6.03 0.24
N ILE A 125 3.86 -6.08 1.16
CA ILE A 125 4.44 -7.36 1.56
C ILE A 125 3.41 -8.22 2.26
N ASP A 126 2.57 -7.61 3.11
CA ASP A 126 1.52 -8.38 3.78
C ASP A 126 0.55 -8.98 2.79
N ARG A 127 0.20 -8.25 1.73
CA ARG A 127 -0.71 -8.79 0.73
C ARG A 127 -0.06 -9.87 -0.11
N TYR A 128 1.26 -9.81 -0.30
CA TYR A 128 1.93 -10.85 -1.07
C TYR A 128 1.97 -12.16 -0.30
N ILE A 129 2.30 -12.10 0.99
CA ILE A 129 2.31 -13.32 1.81
C ILE A 129 0.92 -13.93 1.85
N ALA A 130 -0.12 -13.09 1.83
CA ALA A 130 -1.48 -13.60 1.94
C ALA A 130 -1.85 -14.47 0.74
N ILE A 131 -1.43 -14.07 -0.46
CA ILE A 131 -1.80 -14.83 -1.66
C ILE A 131 -0.77 -15.91 -1.99
N ALA A 132 0.50 -15.68 -1.68
CA ALA A 132 1.54 -16.62 -2.08
C ALA A 132 1.59 -17.83 -1.14
N ILE A 133 1.60 -17.57 0.16
CA ILE A 133 1.75 -18.63 1.16
C ILE A 133 0.57 -18.57 2.14
N PRO A 134 -0.68 -18.68 1.65
CA PRO A 134 -1.83 -18.44 2.55
C PRO A 134 -1.87 -19.33 3.78
N LEU A 135 -1.19 -20.48 3.77
CA LEU A 135 -1.33 -21.41 4.90
C LEU A 135 -0.57 -20.91 6.12
N ARG A 136 0.66 -20.45 5.95
CA ARG A 136 1.49 -20.01 7.06
C ARG A 136 1.28 -18.53 7.40
N TYR A 137 0.39 -17.85 6.68
CA TYR A 137 0.13 -16.43 6.92
C TYR A 137 -0.28 -16.18 8.36
N ASN A 138 -1.32 -16.89 8.82
CA ASN A 138 -1.82 -16.67 10.17
C ASN A 138 -0.81 -17.04 11.25
N GLY A 139 0.17 -17.88 10.92
CA GLY A 139 1.23 -18.21 11.85
C GLY A 139 2.42 -17.26 11.74
N LEU A 140 2.70 -16.79 10.52
CA LEU A 140 3.82 -15.89 10.29
C LEU A 140 3.52 -14.50 10.83
N VAL A 141 2.57 -13.79 10.21
CA VAL A 141 2.22 -12.44 10.65
C VAL A 141 1.23 -12.54 11.81
N THR A 142 1.53 -11.84 12.89
CA THR A 142 0.65 -11.80 14.06
C THR A 142 0.52 -10.36 14.54
N GLY A 143 -0.49 -10.13 15.39
CA GLY A 143 -0.77 -8.80 15.86
C GLY A 143 0.34 -8.20 16.70
N THR A 144 1.07 -9.04 17.43
CA THR A 144 2.13 -8.53 18.30
C THR A 144 3.43 -8.30 17.53
N ARG A 145 3.65 -9.03 16.44
CA ARG A 145 4.81 -8.76 15.61
C ARG A 145 4.62 -7.50 14.77
N ALA A 146 3.39 -7.25 14.31
CA ALA A 146 3.11 -6.05 13.52
C ALA A 146 3.36 -4.79 14.33
N ALA A 147 2.93 -4.78 15.60
CA ALA A 147 3.13 -3.60 16.43
C ALA A 147 4.61 -3.30 16.61
N GLY A 148 5.44 -4.33 16.76
CA GLY A 148 6.86 -4.12 16.90
C GLY A 148 7.51 -3.65 15.62
N ILE A 149 7.01 -4.10 14.47
CA ILE A 149 7.49 -3.59 13.18
C ILE A 149 7.17 -2.11 13.05
N ILE A 150 5.95 -1.73 13.45
CA ILE A 150 5.52 -0.34 13.29
C ILE A 150 6.39 0.60 14.13
N ALA A 151 6.72 0.19 15.36
CA ALA A 151 7.56 1.01 16.21
C ALA A 151 8.96 1.15 15.64
N ILE A 152 9.50 0.08 15.06
CA ILE A 152 10.85 0.14 14.49
C ILE A 152 10.87 1.07 13.29
N CYS A 153 9.83 1.01 12.46
CA CYS A 153 9.77 1.87 11.28
C CYS A 153 9.68 3.35 11.66
N TRP A 154 8.97 3.66 12.75
CA TRP A 154 8.87 5.05 13.17
C TRP A 154 10.21 5.59 13.66
N VAL A 155 10.95 4.77 14.43
CA VAL A 155 12.27 5.19 14.90
C VAL A 155 13.19 5.46 13.70
N LEU A 156 13.15 4.59 12.69
CA LEU A 156 13.98 4.79 11.50
C LEU A 156 13.57 6.02 10.70
N SER A 157 12.27 6.37 10.74
N SER A 157 12.28 6.37 10.73
CA SER A 157 11.82 7.54 10.00
CA SER A 157 11.80 7.54 10.01
C SER A 157 12.35 8.82 10.64
C SER A 157 12.33 8.82 10.64
N PHE A 158 12.42 8.86 11.97
CA PHE A 158 13.04 10.01 12.64
C PHE A 158 14.52 10.10 12.30
N ALA A 159 15.21 8.95 12.27
CA ALA A 159 16.64 8.95 11.93
C ALA A 159 16.88 9.47 10.53
N ILE A 160 16.16 8.93 9.54
CA ILE A 160 16.34 9.36 8.15
C ILE A 160 15.95 10.83 7.99
N GLY A 161 14.79 11.20 8.51
CA GLY A 161 14.25 12.53 8.25
C GLY A 161 15.02 13.65 8.93
N LEU A 162 15.63 13.37 10.08
CA LEU A 162 16.34 14.39 10.84
C LEU A 162 17.85 14.30 10.66
N THR A 163 18.33 13.52 9.70
CA THR A 163 19.76 13.43 9.44
C THR A 163 20.44 14.78 9.21
N PRO A 164 19.82 15.77 8.57
CA PRO A 164 20.47 17.10 8.51
C PRO A 164 20.82 17.70 9.86
N MET A 165 20.08 17.36 10.92
N MET A 165 20.08 17.36 10.92
CA MET A 165 20.40 17.90 12.25
CA MET A 165 20.38 17.90 12.24
C MET A 165 21.70 17.33 12.79
C MET A 165 21.76 17.46 12.73
N LEU A 166 22.22 16.24 12.20
N LEU A 166 22.22 16.29 12.29
CA LEU A 166 23.45 15.63 12.65
CA LEU A 166 23.47 15.73 12.78
C LEU A 166 24.69 16.24 12.02
C LEU A 166 24.70 16.39 12.17
N GLY A 167 24.54 17.30 11.22
CA GLY A 167 25.68 17.98 10.64
C GLY A 167 25.60 18.23 9.15
N TRP A 168 24.83 17.42 8.43
CA TRP A 168 24.69 17.58 6.99
C TRP A 168 23.68 18.68 6.71
N ASN A 169 24.13 19.93 6.84
CA ASN A 169 23.25 21.09 6.72
C ASN A 169 24.10 22.31 6.37
N ASN A 170 23.42 23.42 6.10
CA ASN A 170 24.07 24.67 5.72
C ASN A 170 24.18 25.67 6.87
N CYS A 171 23.96 25.23 8.11
CA CYS A 171 23.99 26.17 9.22
C CYS A 171 25.36 26.83 9.37
N GLY A 172 26.42 26.16 8.92
CA GLY A 172 27.76 26.70 9.01
C GLY A 172 28.09 27.80 8.03
N GLN A 173 27.28 27.98 6.99
CA GLN A 173 27.52 28.99 5.96
C GLN A 173 26.28 29.85 5.79
N PRO A 174 25.96 30.68 6.78
CA PRO A 174 24.71 31.44 6.73
C PRO A 174 24.76 32.57 5.71
N LYS A 175 23.60 32.85 5.13
CA LYS A 175 23.43 34.03 4.27
C LYS A 175 23.20 35.23 5.17
N GLU A 176 24.25 36.02 5.38
CA GLU A 176 24.20 37.12 6.34
C GLU A 176 23.61 38.39 5.75
N GLY A 177 23.70 38.60 4.43
CA GLY A 177 23.00 39.71 3.83
C GLY A 177 21.50 39.60 4.00
N LYS A 178 20.97 38.38 3.89
CA LYS A 178 19.55 38.17 4.12
C LYS A 178 19.19 38.35 5.59
N ALA A 179 20.05 37.86 6.50
CA ALA A 179 19.76 37.98 7.92
C ALA A 179 19.84 39.44 8.38
N HIS A 180 20.78 40.20 7.82
CA HIS A 180 20.85 41.63 8.13
C HIS A 180 19.66 42.38 7.53
N SER A 181 19.26 42.01 6.31
CA SER A 181 18.15 42.71 5.66
C SER A 181 16.86 42.54 6.46
N GLN A 182 16.61 41.34 6.98
N GLN A 182 16.61 41.34 6.98
CA GLN A 182 15.44 41.09 7.78
CA GLN A 182 15.43 41.10 7.79
C GLN A 182 15.63 41.47 9.25
C GLN A 182 15.62 41.52 9.24
N GLY A 183 16.79 42.03 9.61
CA GLY A 183 17.02 42.46 10.97
C GLY A 183 17.08 41.34 11.98
N CYS A 184 17.75 40.24 11.65
CA CYS A 184 17.86 39.14 12.59
C CYS A 184 18.94 39.42 13.63
N GLY A 185 18.71 38.90 14.83
CA GLY A 185 19.70 39.02 15.88
C GLY A 185 20.95 38.22 15.58
N GLU A 186 21.96 38.39 16.43
CA GLU A 186 23.20 37.66 16.27
C GLU A 186 22.97 36.17 16.52
N GLY A 187 23.50 35.34 15.63
CA GLY A 187 23.32 33.90 15.72
C GLY A 187 22.05 33.38 15.10
N GLN A 188 21.26 34.23 14.46
CA GLN A 188 20.02 33.84 13.81
C GLN A 188 20.16 33.91 12.30
N VAL A 189 19.28 33.19 11.61
CA VAL A 189 19.21 33.21 10.16
C VAL A 189 17.77 33.47 9.75
N ALA A 190 17.61 33.95 8.51
CA ALA A 190 16.29 33.96 7.89
C ALA A 190 15.91 32.52 7.53
N CYS A 191 14.86 32.01 8.17
CA CYS A 191 14.54 30.58 8.10
C CYS A 191 13.84 30.26 6.78
N LEU A 192 14.60 29.69 5.85
CA LEU A 192 14.11 29.31 4.53
C LEU A 192 14.58 27.91 4.20
N PHE A 193 13.71 27.12 3.55
CA PHE A 193 13.99 25.70 3.37
C PHE A 193 15.27 25.48 2.58
N GLU A 194 15.36 26.10 1.39
CA GLU A 194 16.51 25.87 0.53
C GLU A 194 17.78 26.54 1.04
N ASP A 195 17.69 27.36 2.09
CA ASP A 195 18.89 27.97 2.66
C ASP A 195 19.56 27.11 3.72
N VAL A 196 18.81 26.27 4.44
CA VAL A 196 19.37 25.46 5.50
C VAL A 196 19.51 23.99 5.10
N VAL A 197 18.63 23.45 4.28
CA VAL A 197 18.67 22.04 3.90
C VAL A 197 19.49 21.92 2.62
N PRO A 198 20.56 21.13 2.60
CA PRO A 198 21.34 20.98 1.37
C PRO A 198 20.57 20.19 0.31
N MET A 199 20.74 20.59 -0.95
N MET A 199 20.73 20.60 -0.94
CA MET A 199 20.01 19.93 -2.02
CA MET A 199 20.03 19.95 -2.04
C MET A 199 20.61 18.59 -2.41
C MET A 199 20.61 18.58 -2.39
N ASN A 200 21.88 18.34 -2.07
CA ASN A 200 22.45 17.02 -2.33
C ASN A 200 21.88 15.98 -1.38
N TYR A 201 21.54 16.38 -0.15
CA TYR A 201 20.79 15.50 0.73
C TYR A 201 19.40 15.24 0.16
N MET A 202 18.73 16.30 -0.30
CA MET A 202 17.34 16.18 -0.76
C MET A 202 17.25 15.30 -2.01
N VAL A 203 18.25 15.38 -2.89
CA VAL A 203 18.20 14.69 -4.18
C VAL A 203 18.83 13.31 -4.09
N TYR A 204 20.10 13.24 -3.66
CA TYR A 204 20.81 11.96 -3.63
C TYR A 204 20.30 11.05 -2.51
N PHE A 205 20.17 11.60 -1.30
CA PHE A 205 19.86 10.79 -0.13
C PHE A 205 18.36 10.60 0.07
N ASN A 206 17.58 11.69 0.06
CA ASN A 206 16.16 11.55 0.33
C ASN A 206 15.40 10.98 -0.88
N PHE A 207 15.55 11.60 -2.06
CA PHE A 207 14.72 11.21 -3.20
C PHE A 207 15.17 9.87 -3.78
N PHE A 208 16.43 9.77 -4.21
CA PHE A 208 16.89 8.56 -4.88
C PHE A 208 16.92 7.36 -3.94
N ALA A 209 17.60 7.49 -2.80
CA ALA A 209 17.82 6.32 -1.94
C ALA A 209 16.59 5.97 -1.10
N CYS A 210 15.92 6.98 -0.51
CA CYS A 210 14.89 6.72 0.49
C CYS A 210 13.45 6.78 -0.05
N VAL A 211 13.23 7.37 -1.24
CA VAL A 211 11.90 7.45 -1.82
C VAL A 211 11.78 6.61 -3.10
N LEU A 212 12.63 6.88 -4.09
N LEU A 212 12.63 6.88 -4.10
CA LEU A 212 12.51 6.21 -5.38
CA LEU A 212 12.51 6.21 -5.38
C LEU A 212 12.75 4.71 -5.26
C LEU A 212 12.75 4.72 -5.27
N VAL A 213 13.84 4.32 -4.59
CA VAL A 213 14.15 2.90 -4.45
C VAL A 213 13.03 2.13 -3.76
N PRO A 214 12.50 2.55 -2.60
CA PRO A 214 11.35 1.81 -2.02
C PRO A 214 10.12 1.80 -2.92
N LEU A 215 9.89 2.86 -3.71
CA LEU A 215 8.73 2.86 -4.60
C LEU A 215 8.87 1.80 -5.69
N LEU A 216 10.06 1.67 -6.27
CA LEU A 216 10.28 0.67 -7.30
C LEU A 216 10.13 -0.75 -6.73
N LEU A 217 10.55 -0.96 -5.49
CA LEU A 217 10.35 -2.26 -4.85
C LEU A 217 8.87 -2.60 -4.72
N MET A 218 8.07 -1.64 -4.24
CA MET A 218 6.63 -1.80 -4.21
C MET A 218 6.08 -2.17 -5.58
N LEU A 219 6.58 -1.51 -6.63
CA LEU A 219 6.16 -1.83 -7.98
C LEU A 219 6.42 -3.28 -8.32
N GLY A 220 7.60 -3.79 -7.96
CA GLY A 220 7.92 -5.18 -8.24
C GLY A 220 7.09 -6.15 -7.42
N VAL A 221 6.81 -5.80 -6.16
CA VAL A 221 6.02 -6.68 -5.29
C VAL A 221 4.62 -6.84 -5.85
N TYR A 222 3.96 -5.72 -6.19
CA TYR A 222 2.62 -5.80 -6.77
C TYR A 222 2.63 -6.54 -8.09
N LEU A 223 3.71 -6.46 -8.85
CA LEU A 223 3.82 -7.26 -10.07
C LEU A 223 3.79 -8.76 -9.75
N ARG A 224 4.51 -9.16 -8.69
CA ARG A 224 4.50 -10.56 -8.28
C ARG A 224 3.13 -10.99 -7.75
N ILE A 225 2.41 -10.07 -7.12
CA ILE A 225 1.10 -10.40 -6.55
C ILE A 225 0.10 -10.70 -7.67
N PHE A 226 0.04 -9.85 -8.68
CA PHE A 226 -0.94 -10.05 -9.75
C PHE A 226 -0.56 -11.21 -10.66
N ALA A 227 0.74 -11.47 -10.84
CA ALA A 227 1.15 -12.62 -11.62
C ALA A 227 0.81 -13.91 -10.90
N ALA A 228 1.04 -13.96 -9.59
CA ALA A 228 0.77 -15.18 -8.83
C ALA A 228 -0.72 -15.46 -8.71
N ALA A 229 -1.54 -14.41 -8.67
CA ALA A 229 -2.99 -14.62 -8.65
C ALA A 229 -3.49 -15.12 -9.99
N ARG A 230 -2.84 -14.70 -11.08
CA ARG A 230 -3.24 -15.18 -12.40
C ARG A 230 -2.92 -16.67 -12.56
N ARG A 231 -1.73 -17.09 -12.11
CA ARG A 231 -1.33 -18.47 -12.28
C ARG A 231 -2.21 -19.41 -11.47
N GLN A 232 -2.63 -18.98 -10.28
CA GLN A 232 -3.47 -19.83 -9.43
C GLN A 232 -4.85 -20.02 -10.04
N LEU A 233 -5.41 -18.96 -10.63
CA LEU A 233 -6.71 -19.08 -11.29
C LEU A 233 -6.63 -20.01 -12.49
N ALA A 234 -5.53 -19.92 -13.26
CA ALA A 234 -5.38 -20.78 -14.43
C ALA A 234 -5.24 -22.25 -14.01
N ASP A 235 -4.44 -22.52 -12.98
CA ASP A 235 -4.27 -23.89 -12.52
C ASP A 235 -5.60 -24.50 -12.11
N LEU A 236 -6.47 -23.72 -11.46
CA LEU A 236 -7.78 -24.23 -11.08
C LEU A 236 -8.62 -24.56 -12.29
N GLU A 237 -8.59 -23.71 -13.32
CA GLU A 237 -9.36 -23.99 -14.54
C GLU A 237 -8.80 -25.20 -15.27
N ASP A 238 -7.46 -25.34 -15.29
CA ASP A 238 -6.85 -26.48 -15.97
C ASP A 238 -7.28 -27.80 -15.35
N ASN A 239 -7.30 -27.87 -14.01
CA ASN A 239 -7.72 -29.09 -13.34
C ASN A 239 -9.20 -29.36 -13.57
N TRP A 240 -10.01 -28.30 -13.63
CA TRP A 240 -11.43 -28.47 -13.93
C TRP A 240 -11.63 -29.03 -15.33
N GLU A 241 -10.84 -28.56 -16.30
CA GLU A 241 -10.95 -29.08 -17.66
C GLU A 241 -10.35 -30.47 -17.76
N THR A 242 -9.24 -30.73 -17.07
CA THR A 242 -8.64 -32.06 -17.10
C THR A 242 -9.60 -33.11 -16.57
N LEU A 243 -10.39 -32.76 -15.55
CA LEU A 243 -11.36 -33.70 -15.01
C LEU A 243 -12.48 -33.96 -16.01
N ASN A 244 -13.04 -32.89 -16.59
CA ASN A 244 -14.20 -33.05 -17.45
C ASN A 244 -13.84 -33.74 -18.76
N ASP A 245 -12.66 -33.43 -19.32
CA ASP A 245 -12.27 -34.02 -20.59
C ASP A 245 -12.06 -35.52 -20.46
N ASN A 246 -11.33 -35.95 -19.44
CA ASN A 246 -11.05 -37.36 -19.26
C ASN A 246 -12.30 -38.16 -18.90
N LEU A 247 -13.38 -37.49 -18.49
CA LEU A 247 -14.65 -38.18 -18.28
C LEU A 247 -15.25 -38.59 -19.62
N LYS A 248 -15.23 -37.70 -20.61
CA LYS A 248 -15.75 -38.03 -21.93
C LYS A 248 -14.86 -39.04 -22.65
N VAL A 249 -13.56 -39.03 -22.36
CA VAL A 249 -12.68 -40.04 -22.92
C VAL A 249 -13.11 -41.43 -22.46
N ILE A 250 -13.55 -41.53 -21.20
CA ILE A 250 -14.00 -42.81 -20.65
C ILE A 250 -15.27 -43.27 -21.35
N GLU A 251 -16.24 -42.37 -21.47
CA GLU A 251 -17.53 -42.72 -22.07
C GLU A 251 -17.36 -43.31 -23.46
N LYS A 252 -16.65 -42.60 -24.32
CA LYS A 252 -16.41 -43.04 -25.70
C LYS A 252 -15.07 -43.76 -25.85
N ALA A 253 -14.84 -44.75 -25.00
CA ALA A 253 -13.63 -45.58 -25.05
C ALA A 253 -13.98 -47.00 -25.50
N ASP A 254 -12.95 -47.80 -25.73
CA ASP A 254 -13.12 -49.16 -26.23
C ASP A 254 -12.20 -50.19 -25.58
N ASN A 255 -11.07 -49.79 -25.01
CA ASN A 255 -10.15 -50.72 -24.36
C ASN A 255 -10.04 -50.39 -22.87
N ALA A 256 -9.58 -51.38 -22.10
CA ALA A 256 -9.54 -51.21 -20.65
C ALA A 256 -8.40 -50.28 -20.22
N ALA A 257 -7.27 -50.32 -20.95
CA ALA A 257 -6.14 -49.47 -20.58
C ALA A 257 -6.44 -48.00 -20.83
N GLN A 258 -7.19 -47.69 -21.88
CA GLN A 258 -7.60 -46.31 -22.12
C GLN A 258 -8.41 -45.77 -20.94
N VAL A 259 -9.32 -46.59 -20.41
CA VAL A 259 -10.04 -46.23 -19.19
C VAL A 259 -9.07 -45.96 -18.06
N LYS A 260 -8.04 -46.80 -17.93
CA LYS A 260 -7.05 -46.63 -16.86
C LYS A 260 -6.31 -45.31 -16.99
N ASP A 261 -5.92 -44.95 -18.22
CA ASP A 261 -5.19 -43.71 -18.44
C ASP A 261 -6.02 -42.50 -18.01
N ALA A 262 -7.23 -42.37 -18.55
CA ALA A 262 -8.05 -41.21 -18.24
C ALA A 262 -8.33 -41.09 -16.76
N LEU A 263 -8.55 -42.22 -16.08
CA LEU A 263 -8.85 -42.20 -14.66
C LEU A 263 -7.65 -41.74 -13.84
N THR A 264 -6.47 -42.27 -14.16
CA THR A 264 -5.27 -41.91 -13.41
C THR A 264 -4.96 -40.43 -13.53
N LYS A 265 -5.22 -39.85 -14.69
CA LYS A 265 -5.05 -38.41 -14.87
C LYS A 265 -6.08 -37.63 -14.06
N MET A 266 -7.26 -38.21 -13.82
CA MET A 266 -8.27 -37.54 -12.99
C MET A 266 -7.87 -37.58 -11.52
N ARG A 267 -7.28 -38.69 -11.07
CA ARG A 267 -6.89 -38.79 -9.67
C ARG A 267 -5.81 -37.78 -9.32
N ALA A 268 -4.88 -37.52 -10.25
CA ALA A 268 -3.86 -36.50 -10.02
C ALA A 268 -4.49 -35.11 -9.98
N ALA A 269 -5.36 -34.80 -10.94
CA ALA A 269 -6.05 -33.52 -10.95
C ALA A 269 -7.02 -33.38 -9.78
N ALA A 270 -7.47 -34.50 -9.19
CA ALA A 270 -8.34 -34.43 -8.03
C ALA A 270 -7.57 -34.04 -6.78
N LEU A 271 -6.34 -34.55 -6.63
CA LEU A 271 -5.53 -34.22 -5.46
C LEU A 271 -4.83 -32.87 -5.60
N ASP A 272 -4.60 -32.40 -6.83
CA ASP A 272 -3.95 -31.12 -7.05
C ASP A 272 -4.93 -29.95 -7.05
N ALA A 273 -6.22 -30.22 -6.87
CA ALA A 273 -7.21 -29.19 -6.61
C ALA A 273 -7.67 -29.16 -5.17
N GLN A 274 -7.32 -30.19 -4.37
CA GLN A 274 -7.56 -30.17 -2.93
C GLN A 274 -6.64 -29.20 -2.21
N LYS A 275 -5.70 -28.59 -2.92
CA LYS A 275 -4.81 -27.58 -2.35
C LYS A 275 -5.16 -26.20 -2.88
N LYS A 292 -14.91 -29.06 5.39
CA LYS A 292 -15.01 -30.49 5.60
C LYS A 292 -16.04 -31.11 4.64
N ASP A 293 -17.14 -30.38 4.42
CA ASP A 293 -18.09 -30.78 3.39
C ASP A 293 -17.42 -30.84 2.02
N PHE A 294 -16.32 -30.10 1.83
CA PHE A 294 -15.50 -30.27 0.63
C PHE A 294 -14.72 -31.57 0.69
N ARG A 295 -14.08 -31.85 1.83
CA ARG A 295 -13.35 -33.10 2.00
C ARG A 295 -14.24 -34.30 1.76
N HIS A 296 -15.54 -34.18 2.07
CA HIS A 296 -16.49 -35.23 1.72
C HIS A 296 -16.56 -35.43 0.21
N GLY A 297 -16.94 -34.37 -0.52
CA GLY A 297 -17.01 -34.46 -1.97
C GLY A 297 -15.70 -34.92 -2.59
N PHE A 298 -14.58 -34.62 -1.94
CA PHE A 298 -13.29 -35.15 -2.39
C PHE A 298 -13.03 -36.55 -1.85
N ASP A 299 -13.57 -36.88 -0.67
CA ASP A 299 -13.52 -38.26 -0.20
C ASP A 299 -14.30 -39.18 -1.13
N ILE A 300 -15.49 -38.75 -1.54
CA ILE A 300 -16.27 -39.52 -2.50
C ILE A 300 -15.55 -39.58 -3.85
N LEU A 301 -15.10 -38.42 -4.34
CA LEU A 301 -14.49 -38.34 -5.67
C LEU A 301 -13.35 -39.34 -5.83
N VAL A 302 -12.34 -39.25 -4.96
CA VAL A 302 -11.19 -40.15 -5.08
C VAL A 302 -11.63 -41.59 -4.84
N GLY A 303 -12.68 -41.79 -4.04
CA GLY A 303 -13.16 -43.14 -3.80
C GLY A 303 -13.76 -43.78 -5.05
N GLN A 304 -14.65 -43.06 -5.74
CA GLN A 304 -15.24 -43.60 -6.95
C GLN A 304 -14.19 -43.82 -8.04
N ILE A 305 -13.19 -42.93 -8.13
CA ILE A 305 -12.10 -43.15 -9.06
C ILE A 305 -11.37 -44.45 -8.72
N ASP A 306 -11.15 -44.70 -7.44
CA ASP A 306 -10.43 -45.90 -7.01
C ASP A 306 -11.23 -47.16 -7.32
N ASP A 307 -12.56 -47.12 -7.14
CA ASP A 307 -13.40 -48.26 -7.50
C ASP A 307 -13.31 -48.56 -8.99
N ALA A 308 -13.47 -47.53 -9.82
CA ALA A 308 -13.49 -47.74 -11.26
C ALA A 308 -12.12 -48.18 -11.78
N LEU A 309 -11.03 -47.78 -11.12
CA LEU A 309 -9.71 -48.20 -11.56
C LEU A 309 -9.48 -49.68 -11.27
N LYS A 310 -10.01 -50.18 -10.16
CA LYS A 310 -9.87 -51.60 -9.84
C LYS A 310 -10.63 -52.45 -10.85
N LEU A 311 -11.79 -51.96 -11.32
CA LEU A 311 -12.53 -52.70 -12.35
C LEU A 311 -11.74 -52.78 -13.64
N ALA A 312 -11.08 -51.69 -14.04
CA ALA A 312 -10.36 -51.67 -15.31
C ALA A 312 -9.16 -52.59 -15.27
N ASN A 313 -8.43 -52.62 -14.15
CA ASN A 313 -7.25 -53.47 -14.06
C ASN A 313 -7.61 -54.95 -14.14
N GLU A 314 -8.74 -55.33 -13.54
CA GLU A 314 -9.21 -56.71 -13.66
C GLU A 314 -9.63 -57.02 -15.09
N GLY A 315 -10.05 -56.00 -15.84
CA GLY A 315 -10.44 -56.17 -17.23
C GLY A 315 -11.87 -55.81 -17.55
N LYS A 316 -12.73 -55.68 -16.55
CA LYS A 316 -14.13 -55.33 -16.78
C LYS A 316 -14.22 -53.86 -17.19
N VAL A 317 -14.35 -53.61 -18.49
CA VAL A 317 -14.35 -52.24 -18.98
C VAL A 317 -15.75 -51.63 -18.87
N LYS A 318 -16.79 -52.37 -19.28
CA LYS A 318 -18.14 -51.83 -19.26
C LYS A 318 -18.57 -51.46 -17.85
N GLU A 319 -18.21 -52.29 -16.86
CA GLU A 319 -18.52 -51.97 -15.48
C GLU A 319 -17.75 -50.73 -15.01
N ALA A 320 -16.54 -50.52 -15.54
CA ALA A 320 -15.77 -49.33 -15.18
C ALA A 320 -16.38 -48.07 -15.81
N GLN A 321 -16.76 -48.15 -17.08
CA GLN A 321 -17.36 -47.01 -17.76
C GLN A 321 -18.62 -46.55 -17.03
N ALA A 322 -19.43 -47.51 -16.55
CA ALA A 322 -20.67 -47.16 -15.86
C ALA A 322 -20.41 -46.65 -14.44
N ALA A 323 -19.44 -47.23 -13.75
CA ALA A 323 -19.02 -46.73 -12.44
C ALA A 323 -18.41 -45.32 -12.52
N ALA A 324 -18.25 -44.76 -13.73
CA ALA A 324 -17.70 -43.42 -13.94
C ALA A 324 -18.77 -42.35 -14.07
N GLU A 325 -19.89 -42.64 -14.73
CA GLU A 325 -20.98 -41.67 -14.83
C GLU A 325 -21.51 -41.28 -13.45
N GLN A 326 -21.20 -42.06 -12.42
CA GLN A 326 -21.47 -41.64 -11.05
C GLN A 326 -20.51 -40.55 -10.60
N LEU A 327 -19.27 -40.57 -11.10
CA LEU A 327 -18.34 -39.49 -10.84
C LEU A 327 -18.90 -38.14 -11.24
N LYS A 328 -19.70 -38.12 -12.32
CA LYS A 328 -20.40 -36.91 -12.73
C LYS A 328 -21.14 -36.32 -11.54
N THR A 329 -22.24 -36.96 -11.14
CA THR A 329 -23.07 -36.51 -10.02
C THR A 329 -22.26 -35.97 -8.86
N THR A 330 -21.12 -36.59 -8.56
CA THR A 330 -20.25 -36.08 -7.51
C THR A 330 -19.75 -34.68 -7.85
N ARG A 331 -19.37 -34.45 -9.11
CA ARG A 331 -18.83 -33.13 -9.47
C ARG A 331 -19.93 -32.07 -9.52
N ASN A 332 -21.14 -32.44 -9.96
CA ASN A 332 -22.20 -31.44 -10.03
C ASN A 332 -22.80 -31.10 -8.66
N ALA A 333 -22.32 -31.75 -7.60
CA ALA A 333 -22.86 -31.51 -6.26
C ALA A 333 -21.83 -31.11 -5.23
N TYR A 334 -20.53 -31.21 -5.52
CA TYR A 334 -19.51 -30.90 -4.53
C TYR A 334 -18.33 -30.14 -5.13
N ILE A 335 -17.79 -30.66 -6.24
CA ILE A 335 -16.56 -30.09 -6.79
C ILE A 335 -16.82 -28.68 -7.35
N GLN A 336 -17.86 -28.54 -8.17
CA GLN A 336 -18.16 -27.24 -8.76
C GLN A 336 -18.45 -26.20 -7.69
N LYS A 337 -18.95 -26.62 -6.53
CA LYS A 337 -19.16 -25.68 -5.43
C LYS A 337 -17.83 -25.19 -4.88
N TYR A 338 -16.84 -26.08 -4.75
CA TYR A 338 -15.52 -25.67 -4.30
C TYR A 338 -14.86 -24.73 -5.30
N LEU A 339 -14.86 -25.11 -6.57
CA LEU A 339 -14.23 -24.29 -7.61
C LEU A 339 -14.77 -22.87 -7.61
N GLU A 340 -16.07 -22.71 -7.36
CA GLU A 340 -16.65 -21.38 -7.31
C GLU A 340 -16.19 -20.61 -6.08
N ARG A 341 -16.22 -21.26 -4.91
CA ARG A 341 -15.82 -20.57 -3.69
C ARG A 341 -14.35 -20.18 -3.72
N ALA A 342 -13.49 -21.06 -4.22
CA ALA A 342 -12.07 -20.73 -4.35
C ALA A 342 -11.87 -19.60 -5.35
N ARG A 343 -12.62 -19.62 -6.46
CA ARG A 343 -12.50 -18.55 -7.44
C ARG A 343 -13.00 -17.22 -6.87
N SER A 344 -14.11 -17.24 -6.13
CA SER A 344 -14.62 -16.02 -5.54
C SER A 344 -13.68 -15.47 -4.49
N THR A 345 -12.97 -16.34 -3.77
CA THR A 345 -12.03 -15.86 -2.74
C THR A 345 -10.82 -15.19 -3.39
N LEU A 346 -10.29 -15.78 -4.46
CA LEU A 346 -9.13 -15.20 -5.12
C LEU A 346 -9.42 -13.81 -5.65
N GLN A 347 -10.60 -13.63 -6.28
CA GLN A 347 -10.97 -12.31 -6.79
C GLN A 347 -11.10 -11.30 -5.66
N LYS A 348 -11.57 -11.72 -4.50
CA LYS A 348 -11.67 -10.80 -3.37
C LYS A 348 -10.29 -10.32 -2.92
N GLU A 349 -9.27 -11.18 -2.99
CA GLU A 349 -7.92 -10.79 -2.60
C GLU A 349 -7.27 -9.90 -3.65
N VAL A 350 -7.55 -10.15 -4.93
CA VAL A 350 -7.03 -9.28 -5.99
C VAL A 350 -7.62 -7.89 -5.86
N HIS A 351 -8.93 -7.81 -5.59
CA HIS A 351 -9.57 -6.53 -5.34
C HIS A 351 -8.89 -5.79 -4.19
N ALA A 352 -8.64 -6.51 -3.08
CA ALA A 352 -7.98 -5.90 -1.94
C ALA A 352 -6.54 -5.50 -2.25
N ALA A 353 -5.86 -6.26 -3.12
CA ALA A 353 -4.52 -5.87 -3.54
C ALA A 353 -4.56 -4.68 -4.49
N LYS A 354 -5.60 -4.59 -5.33
CA LYS A 354 -5.73 -3.45 -6.22
C LYS A 354 -5.98 -2.17 -5.43
N SER A 355 -6.74 -2.25 -4.34
CA SER A 355 -7.02 -1.07 -3.53
C SER A 355 -5.76 -0.55 -2.86
N ALA A 356 -4.90 -1.45 -2.38
CA ALA A 356 -3.64 -1.03 -1.78
C ALA A 356 -2.69 -0.44 -2.81
N ALA A 357 -2.71 -0.95 -4.03
CA ALA A 357 -1.86 -0.42 -5.08
C ALA A 357 -2.27 0.99 -5.50
N ILE A 358 -3.56 1.31 -5.41
CA ILE A 358 -4.03 2.65 -5.72
C ILE A 358 -3.51 3.64 -4.69
N ILE A 359 -3.49 3.23 -3.42
N ILE A 359 -3.50 3.24 -3.42
CA ILE A 359 -2.99 4.11 -2.36
CA ILE A 359 -2.99 4.08 -2.34
C ILE A 359 -1.51 4.40 -2.57
C ILE A 359 -1.51 4.39 -2.57
N ALA A 360 -0.73 3.37 -2.94
CA ALA A 360 0.68 3.59 -3.21
C ALA A 360 0.89 4.48 -4.43
N GLY A 361 0.07 4.29 -5.48
CA GLY A 361 0.22 5.09 -6.68
C GLY A 361 -0.12 6.56 -6.46
N LEU A 362 -1.17 6.83 -5.66
CA LEU A 362 -1.53 8.21 -5.37
C LEU A 362 -0.46 8.93 -4.55
N PHE A 363 0.24 8.19 -3.69
CA PHE A 363 1.38 8.74 -2.99
C PHE A 363 2.42 9.25 -3.99
N ALA A 364 2.77 8.41 -4.97
CA ALA A 364 3.79 8.78 -5.94
C ALA A 364 3.36 9.98 -6.77
N LEU A 365 2.09 10.05 -7.16
N LEU A 365 2.09 10.05 -7.15
CA LEU A 365 1.64 11.16 -7.99
CA LEU A 365 1.62 11.16 -7.99
C LEU A 365 1.71 12.49 -7.24
C LEU A 365 1.71 12.48 -7.24
N CYS A 366 1.42 12.48 -5.94
CA CYS A 366 1.38 13.72 -5.17
C CYS A 366 2.76 14.21 -4.74
N TRP A 367 3.77 13.33 -4.70
CA TRP A 367 5.08 13.71 -4.18
C TRP A 367 6.15 13.91 -5.24
N LEU A 368 5.99 13.30 -6.41
CA LEU A 368 7.03 13.36 -7.43
C LEU A 368 7.26 14.76 -7.99
N PRO A 369 6.22 15.58 -8.23
CA PRO A 369 6.49 16.94 -8.75
C PRO A 369 7.48 17.73 -7.90
N LEU A 370 7.29 17.75 -6.59
CA LEU A 370 8.22 18.48 -5.72
C LEU A 370 9.63 17.91 -5.84
N HIS A 371 9.75 16.59 -5.86
CA HIS A 371 11.06 15.95 -6.00
C HIS A 371 11.69 16.24 -7.35
N ILE A 372 10.88 16.26 -8.42
CA ILE A 372 11.41 16.55 -9.75
C ILE A 372 11.87 18.00 -9.85
N ILE A 373 11.15 18.92 -9.18
CA ILE A 373 11.60 20.32 -9.17
C ILE A 373 12.95 20.45 -8.47
N ASN A 374 13.13 19.74 -7.36
CA ASN A 374 14.41 19.77 -6.67
C ASN A 374 15.53 19.29 -7.59
N CYS A 375 15.27 18.28 -8.42
CA CYS A 375 16.28 17.80 -9.36
C CYS A 375 16.70 18.90 -10.33
N PHE A 376 15.73 19.70 -10.82
CA PHE A 376 16.08 20.80 -11.72
C PHE A 376 16.88 21.87 -11.00
N THR A 377 16.46 22.23 -9.78
CA THR A 377 17.21 23.21 -9.00
C THR A 377 18.66 22.77 -8.81
N PHE A 378 18.86 21.48 -8.53
CA PHE A 378 20.17 20.95 -8.16
C PHE A 378 21.04 20.66 -9.39
N PHE A 379 20.46 20.03 -10.42
CA PHE A 379 21.24 19.54 -11.54
C PHE A 379 21.48 20.58 -12.63
N CYS A 380 20.68 21.64 -12.69
CA CYS A 380 20.80 22.67 -13.72
C CYS A 380 21.01 24.05 -13.08
N PRO A 381 22.23 24.35 -12.62
CA PRO A 381 22.51 25.70 -12.10
C PRO A 381 22.42 26.78 -13.16
N ASP A 382 22.37 26.43 -14.45
CA ASP A 382 22.15 27.39 -15.51
C ASP A 382 20.68 27.68 -15.75
N CYS A 383 19.79 26.82 -15.27
CA CYS A 383 18.35 27.04 -15.43
C CYS A 383 17.85 28.04 -14.39
N SER A 384 16.89 28.85 -14.79
N SER A 384 16.89 28.85 -14.79
CA SER A 384 16.23 29.73 -13.84
CA SER A 384 16.22 29.72 -13.85
C SER A 384 15.46 28.89 -12.82
C SER A 384 15.45 28.90 -12.82
N HIS A 385 15.50 29.33 -11.57
CA HIS A 385 14.79 28.62 -10.51
C HIS A 385 13.29 28.61 -10.80
N ALA A 386 12.64 27.50 -10.44
CA ALA A 386 11.20 27.41 -10.62
C ALA A 386 10.51 28.56 -9.90
N PRO A 387 9.50 29.18 -10.51
CA PRO A 387 8.88 30.35 -9.89
C PRO A 387 8.16 29.99 -8.60
N LEU A 388 7.91 31.02 -7.79
CA LEU A 388 7.38 30.79 -6.45
C LEU A 388 5.99 30.15 -6.49
N TRP A 389 5.13 30.59 -7.41
CA TRP A 389 3.78 30.03 -7.47
C TRP A 389 3.80 28.54 -7.77
N LEU A 390 4.80 28.07 -8.54
CA LEU A 390 4.91 26.65 -8.84
C LEU A 390 5.43 25.88 -7.63
N MET A 391 6.35 26.47 -6.87
CA MET A 391 6.80 25.87 -5.62
C MET A 391 5.62 25.62 -4.69
N TYR A 392 4.79 26.65 -4.49
CA TYR A 392 3.64 26.53 -3.61
C TYR A 392 2.67 25.45 -4.10
N LEU A 393 2.46 25.37 -5.42
CA LEU A 393 1.56 24.36 -5.96
C LEU A 393 2.09 22.95 -5.70
N ALA A 394 3.39 22.74 -5.92
CA ALA A 394 3.98 21.43 -5.64
C ALA A 394 3.92 21.10 -4.15
N ILE A 395 4.09 22.11 -3.29
CA ILE A 395 4.01 21.86 -1.85
C ILE A 395 2.59 21.49 -1.45
N VAL A 396 1.61 22.27 -1.93
N VAL A 396 1.60 22.24 -1.94
CA VAL A 396 0.21 21.99 -1.64
CA VAL A 396 0.23 21.94 -1.55
C VAL A 396 -0.18 20.60 -2.12
C VAL A 396 -0.24 20.61 -2.14
N LEU A 397 0.30 20.21 -3.30
CA LEU A 397 -0.03 18.89 -3.84
C LEU A 397 0.50 17.78 -2.96
N SER A 398 1.72 17.93 -2.44
CA SER A 398 2.25 16.92 -1.53
C SER A 398 1.39 16.81 -0.27
N HIS A 399 0.75 17.91 0.14
CA HIS A 399 -0.11 17.89 1.32
C HIS A 399 -1.46 17.26 1.03
N THR A 400 -1.95 17.36 -0.21
N THR A 400 -1.95 17.35 -0.21
CA THR A 400 -3.23 16.78 -0.57
CA THR A 400 -3.26 16.77 -0.54
C THR A 400 -3.25 15.26 -0.40
C THR A 400 -3.26 15.25 -0.42
N ASN A 401 -2.09 14.61 -0.44
CA ASN A 401 -2.03 13.17 -0.26
C ASN A 401 -2.59 12.75 1.10
N SER A 402 -2.48 13.62 2.11
CA SER A 402 -3.01 13.31 3.43
C SER A 402 -4.53 13.40 3.51
N VAL A 403 -5.22 13.69 2.40
CA VAL A 403 -6.67 13.79 2.39
C VAL A 403 -7.30 12.58 1.68
N VAL A 404 -6.59 12.00 0.71
CA VAL A 404 -7.27 11.14 -0.26
C VAL A 404 -7.53 9.71 0.26
N ASN A 405 -6.69 9.19 1.15
CA ASN A 405 -6.83 7.78 1.54
C ASN A 405 -8.20 7.44 2.11
N PRO A 406 -8.78 8.22 3.04
CA PRO A 406 -10.12 7.86 3.56
C PRO A 406 -11.18 7.75 2.47
N PHE A 407 -11.01 8.45 1.35
CA PHE A 407 -11.98 8.32 0.27
C PHE A 407 -11.80 7.01 -0.48
N ILE A 408 -10.59 6.46 -0.49
CA ILE A 408 -10.35 5.20 -1.17
C ILE A 408 -10.95 4.05 -0.38
N TYR A 409 -10.76 4.04 0.94
CA TYR A 409 -11.36 3.00 1.77
C TYR A 409 -12.88 3.00 1.66
N ALA A 410 -13.49 4.19 1.66
CA ALA A 410 -14.94 4.28 1.58
C ALA A 410 -15.44 3.77 0.24
N TYR A 411 -14.72 4.07 -0.85
CA TYR A 411 -15.17 3.67 -2.17
C TYR A 411 -14.95 2.18 -2.42
N ARG A 412 -13.84 1.63 -1.90
CA ARG A 412 -13.39 0.32 -2.36
C ARG A 412 -13.52 -0.80 -1.33
N ILE A 413 -13.57 -0.49 -0.04
CA ILE A 413 -13.65 -1.51 1.01
C ILE A 413 -15.01 -1.39 1.67
N ARG A 414 -15.84 -2.42 1.46
CA ARG A 414 -17.24 -2.36 1.91
C ARG A 414 -17.34 -2.29 3.43
N GLU A 415 -16.45 -3.00 4.14
CA GLU A 415 -16.51 -2.98 5.60
C GLU A 415 -16.16 -1.60 6.16
N PHE A 416 -15.26 -0.86 5.51
CA PHE A 416 -14.98 0.50 5.94
C PHE A 416 -16.18 1.41 5.69
N ARG A 417 -16.76 1.30 4.49
CA ARG A 417 -17.86 2.17 4.09
C ARG A 417 -19.06 2.01 5.02
N GLN A 418 -19.42 0.77 5.36
CA GLN A 418 -20.53 0.54 6.27
C GLN A 418 -20.22 1.08 7.66
N THR A 419 -19.00 0.85 8.14
CA THR A 419 -18.62 1.38 9.45
C THR A 419 -18.63 2.90 9.43
N PHE A 420 -18.19 3.51 8.33
CA PHE A 420 -18.22 4.96 8.23
C PHE A 420 -19.63 5.49 8.42
N ARG A 421 -20.59 4.94 7.66
CA ARG A 421 -21.99 5.35 7.78
C ARG A 421 -22.48 5.28 9.22
N LYS A 422 -22.22 4.14 9.88
CA LYS A 422 -22.70 3.94 11.25
C LYS A 422 -22.19 5.05 12.17
N ILE A 423 -20.93 5.45 12.02
CA ILE A 423 -20.39 6.51 12.87
C ILE A 423 -21.05 7.84 12.54
N ILE A 424 -21.16 8.17 11.25
CA ILE A 424 -21.75 9.46 10.89
C ILE A 424 -23.21 9.53 11.34
N ARG A 425 -23.99 8.50 11.05
CA ARG A 425 -25.42 8.54 11.36
C ARG A 425 -25.67 8.58 12.86
N SER A 426 -24.96 7.75 13.64
CA SER A 426 -25.17 7.71 15.08
C SER A 426 -24.57 8.91 15.80
N HIS A 427 -23.80 9.75 15.10
CA HIS A 427 -23.20 10.92 15.73
C HIS A 427 -23.52 12.22 15.00
N VAL A 428 -24.19 12.17 13.85
CA VAL A 428 -24.92 13.34 13.37
C VAL A 428 -26.35 13.35 13.91
N LEU A 429 -26.88 12.17 14.29
CA LEU A 429 -28.18 12.02 14.93
C LEU A 429 -29.28 12.90 14.33
#